data_3WGE
#
_entry.id   3WGE
#
_cell.length_a   32.580
_cell.length_b   39.060
_cell.length_c   87.200
_cell.angle_alpha   90.00
_cell.angle_beta   90.00
_cell.angle_gamma   90.00
#
_symmetry.space_group_name_H-M   'P 21 21 21'
#
loop_
_entity.id
_entity.type
_entity.pdbx_description
1 polymer 'Thioredoxin domain-containing protein 5'
2 non-polymer GLYCEROL
3 water water
#
_entity_poly.entity_id   1
_entity_poly.type   'polypeptide(L)'
_entity_poly.pdbx_seq_one_letter_code
;GSHMGLYELSASNFELHVAQGDHFIKFFAPWCGHCKALAPTWEQLALGLEHSETVKIGKVDCTQHYELCSGNQVRGYPTL
LWFRDGKKVDQYKGKRDLESLREYVESQLQRTE
;
_entity_poly.pdbx_strand_id   A
#
# COMPACT_ATOMS: atom_id res chain seq x y z
N GLY A 1 -3.45 17.14 1.06
CA GLY A 1 -4.17 16.38 0.05
C GLY A 1 -4.43 14.96 0.52
N SER A 2 -5.19 14.82 1.60
CA SER A 2 -5.44 13.53 2.17
C SER A 2 -6.69 12.91 1.55
N HIS A 3 -6.84 11.60 1.75
CA HIS A 3 -7.95 10.83 1.19
CA HIS A 3 -7.96 10.83 1.20
C HIS A 3 -8.49 9.85 2.23
N MET A 4 -9.81 9.77 2.35
CA MET A 4 -10.41 8.87 3.31
CA MET A 4 -10.41 8.86 3.31
C MET A 4 -9.93 7.42 3.11
N GLY A 5 -9.60 6.76 4.22
CA GLY A 5 -9.16 5.38 4.19
C GLY A 5 -7.72 5.16 3.80
N LEU A 6 -7.00 6.21 3.40
CA LEU A 6 -5.66 6.06 2.84
C LEU A 6 -4.64 6.62 3.83
N TYR A 7 -3.81 5.73 4.35
N TYR A 7 -3.76 5.75 4.32
N TYR A 7 -3.76 5.74 4.29
CA TYR A 7 -2.72 6.09 5.21
CA TYR A 7 -2.71 6.16 5.25
CA TYR A 7 -2.65 6.14 5.16
C TYR A 7 -1.55 6.56 4.36
C TYR A 7 -1.40 6.45 4.51
C TYR A 7 -1.40 6.51 4.36
N GLU A 8 -0.84 7.58 4.85
N GLU A 8 -0.94 7.71 4.47
CA GLU A 8 0.39 8.07 4.22
CA GLU A 8 0.43 7.97 4.01
C GLU A 8 1.49 7.92 5.24
C GLU A 8 1.40 7.79 5.17
N LEU A 9 2.36 6.93 5.04
N LEU A 9 2.43 6.99 4.94
CA LEU A 9 3.33 6.59 6.07
CA LEU A 9 3.31 6.53 6.01
C LEU A 9 4.68 7.24 5.83
C LEU A 9 4.73 7.07 5.81
N SER A 10 5.42 7.31 6.92
CA SER A 10 6.74 7.90 6.92
C SER A 10 7.73 6.92 7.49
N ALA A 11 9.00 7.29 7.43
CA ALA A 11 10.01 6.49 8.06
C ALA A 11 9.77 6.31 9.56
N SER A 12 9.17 7.32 10.18
N SER A 12 9.21 7.30 10.23
N SER A 12 9.19 7.31 10.21
CA SER A 12 8.92 7.35 11.62
CA SER A 12 9.00 7.18 11.67
CA SER A 12 8.97 7.21 11.66
C SER A 12 7.86 6.36 12.08
C SER A 12 7.98 6.11 11.99
C SER A 12 7.92 6.19 12.04
N ASN A 13 6.89 6.08 11.22
CA ASN A 13 5.74 5.27 11.63
C ASN A 13 5.48 4.02 10.83
N PHE A 14 6.21 3.80 9.73
CA PHE A 14 5.81 2.72 8.83
C PHE A 14 5.84 1.35 9.52
N GLU A 15 6.97 1.00 10.10
CA GLU A 15 7.13 -0.32 10.68
CA GLU A 15 7.12 -0.33 10.68
C GLU A 15 6.15 -0.54 11.83
N LEU A 16 5.95 0.47 12.66
CA LEU A 16 4.97 0.36 13.74
C LEU A 16 3.55 0.21 13.20
N HIS A 17 3.24 0.92 12.09
CA HIS A 17 1.92 0.85 11.48
C HIS A 17 1.59 -0.53 10.93
N VAL A 18 2.55 -1.17 10.25
CA VAL A 18 2.27 -2.46 9.61
C VAL A 18 2.48 -3.64 10.55
N ALA A 19 2.80 -3.38 11.82
CA ALA A 19 3.14 -4.44 12.77
C ALA A 19 2.00 -5.42 13.06
N GLN A 20 0.76 -4.95 13.03
CA GLN A 20 -0.40 -5.80 13.33
C GLN A 20 -1.35 -5.79 12.16
N GLY A 21 -1.92 -6.94 11.85
CA GLY A 21 -2.92 -7.04 10.82
C GLY A 21 -2.34 -7.05 9.43
N ASP A 22 -3.21 -6.82 8.45
CA ASP A 22 -2.87 -6.88 7.05
C ASP A 22 -2.86 -5.47 6.45
N HIS A 23 -1.97 -5.27 5.49
CA HIS A 23 -1.72 -3.97 4.91
C HIS A 23 -1.43 -4.12 3.43
N PHE A 24 -1.96 -3.21 2.63
CA PHE A 24 -1.68 -3.16 1.19
C PHE A 24 -1.16 -1.75 0.94
N ILE A 25 0.09 -1.63 0.48
N ILE A 25 0.10 -1.65 0.51
CA ILE A 25 0.75 -0.34 0.44
CA ILE A 25 0.83 -0.39 0.46
C ILE A 25 1.38 -0.06 -0.92
C ILE A 25 1.27 -0.11 -0.98
N LYS A 26 1.00 1.10 -1.45
CA LYS A 26 1.50 1.61 -2.72
CA LYS A 26 1.50 1.58 -2.72
C LYS A 26 2.76 2.42 -2.49
N PHE A 27 3.88 1.89 -2.98
CA PHE A 27 5.15 2.62 -2.97
C PHE A 27 5.24 3.36 -4.30
N PHE A 28 5.41 4.68 -4.24
CA PHE A 28 5.28 5.52 -5.43
C PHE A 28 6.31 6.62 -5.41
N ALA A 29 6.39 7.31 -6.55
CA ALA A 29 7.15 8.55 -6.66
C ALA A 29 6.28 9.56 -7.37
N PRO A 30 6.28 10.83 -6.95
CA PRO A 30 5.43 11.81 -7.63
C PRO A 30 5.67 11.94 -9.12
N TRP A 31 6.92 11.73 -9.54
N TRP A 31 6.91 11.75 -9.55
CA TRP A 31 7.32 11.88 -10.96
CA TRP A 31 7.22 11.92 -10.96
C TRP A 31 6.82 10.73 -11.83
C TRP A 31 6.71 10.78 -11.83
N CYS A 32 6.35 9.64 -11.23
CA CYS A 32 6.06 8.42 -11.99
C CYS A 32 4.68 8.47 -12.66
N GLY A 33 4.67 8.40 -13.99
CA GLY A 33 3.43 8.46 -14.76
C GLY A 33 2.43 7.36 -14.48
N HIS A 34 2.92 6.15 -14.27
N HIS A 34 2.93 6.15 -14.27
CA HIS A 34 2.04 5.03 -13.96
CA HIS A 34 2.04 5.04 -13.99
C HIS A 34 1.44 5.21 -12.57
C HIS A 34 1.50 5.12 -12.56
N CYS A 35 2.21 5.85 -11.69
CA CYS A 35 1.72 6.13 -10.33
C CYS A 35 0.58 7.14 -10.43
N LYS A 36 0.77 8.20 -11.21
CA LYS A 36 -0.30 9.16 -11.41
C LYS A 36 -1.53 8.46 -11.98
N ALA A 37 -1.32 7.57 -12.95
CA ALA A 37 -2.43 6.90 -13.61
C ALA A 37 -3.26 6.08 -12.62
N LEU A 38 -2.59 5.49 -11.63
CA LEU A 38 -3.20 4.61 -10.65
C LEU A 38 -3.79 5.35 -9.46
N ALA A 39 -3.39 6.59 -9.21
CA ALA A 39 -3.74 7.22 -7.94
C ALA A 39 -5.25 7.24 -7.67
N PRO A 40 -6.10 7.60 -8.64
CA PRO A 40 -7.54 7.64 -8.33
C PRO A 40 -8.11 6.25 -7.99
N THR A 41 -7.64 5.21 -8.69
CA THR A 41 -8.03 3.84 -8.36
C THR A 41 -7.65 3.50 -6.93
N TRP A 42 -6.43 3.84 -6.54
CA TRP A 42 -5.96 3.53 -5.19
C TRP A 42 -6.82 4.26 -4.14
N GLU A 43 -7.20 5.49 -4.45
CA GLU A 43 -8.08 6.25 -3.58
C GLU A 43 -9.46 5.59 -3.46
N GLN A 44 -10.00 5.06 -4.56
N GLN A 44 -9.99 5.03 -4.53
N GLN A 44 -9.99 5.06 -4.56
CA GLN A 44 -11.26 4.32 -4.49
CA GLN A 44 -11.25 4.32 -4.40
CA GLN A 44 -11.23 4.31 -4.55
C GLN A 44 -11.09 3.08 -3.61
C GLN A 44 -11.12 3.03 -3.62
C GLN A 44 -11.11 3.07 -3.66
N LEU A 45 -9.98 2.37 -3.78
CA LEU A 45 -9.72 1.16 -2.99
C LEU A 45 -9.75 1.51 -1.49
N ALA A 46 -9.04 2.57 -1.13
CA ALA A 46 -8.96 3.04 0.24
C ALA A 46 -10.35 3.43 0.78
N LEU A 47 -11.12 4.16 0.00
CA LEU A 47 -12.42 4.58 0.48
C LEU A 47 -13.29 3.37 0.75
N GLY A 48 -13.31 2.40 -0.17
CA GLY A 48 -14.18 1.26 0.00
C GLY A 48 -13.83 0.40 1.20
N LEU A 49 -12.55 0.39 1.58
CA LEU A 49 -12.06 -0.38 2.71
C LEU A 49 -11.87 0.45 3.97
N GLU A 50 -12.38 1.67 3.99
CA GLU A 50 -12.10 2.57 5.09
C GLU A 50 -12.46 1.98 6.45
N HIS A 51 -13.56 1.27 6.53
CA HIS A 51 -14.05 0.72 7.78
C HIS A 51 -13.64 -0.71 8.03
N SER A 52 -12.74 -1.27 7.22
CA SER A 52 -12.33 -2.65 7.44
C SER A 52 -11.66 -2.83 8.77
N GLU A 53 -11.94 -3.93 9.44
CA GLU A 53 -11.25 -4.27 10.68
C GLU A 53 -10.01 -5.13 10.43
N THR A 54 -9.80 -5.53 9.19
CA THR A 54 -8.77 -6.52 8.90
C THR A 54 -7.67 -6.03 7.96
N VAL A 55 -7.90 -5.00 7.16
CA VAL A 55 -6.86 -4.49 6.27
C VAL A 55 -6.84 -2.97 6.33
N LYS A 56 -5.65 -2.42 6.16
N LYS A 56 -5.64 -2.43 6.15
CA LYS A 56 -5.48 -0.98 5.98
CA LYS A 56 -5.42 -0.99 6.01
C LYS A 56 -4.74 -0.75 4.67
C LYS A 56 -4.68 -0.70 4.70
N ILE A 57 -5.12 0.33 4.00
CA ILE A 57 -4.58 0.73 2.71
C ILE A 57 -3.67 1.93 2.93
N GLY A 58 -2.44 1.84 2.43
CA GLY A 58 -1.47 2.89 2.63
C GLY A 58 -0.70 3.24 1.39
N LYS A 59 0.12 4.28 1.52
N LYS A 59 0.16 4.23 1.52
CA LYS A 59 1.06 4.67 0.49
CA LYS A 59 1.11 4.60 0.47
C LYS A 59 2.35 5.20 1.14
C LYS A 59 2.34 5.22 1.12
N VAL A 60 3.45 5.09 0.41
CA VAL A 60 4.75 5.59 0.83
C VAL A 60 5.40 6.30 -0.36
N ASP A 61 5.77 7.54 -0.14
CA ASP A 61 6.49 8.35 -1.12
C ASP A 61 7.98 8.06 -1.02
N CYS A 62 8.49 7.31 -2.00
CA CYS A 62 9.88 6.88 -1.98
C CYS A 62 10.88 8.00 -2.32
N THR A 63 10.38 9.19 -2.71
CA THR A 63 11.26 10.34 -2.78
C THR A 63 11.51 10.96 -1.42
N GLN A 64 10.63 10.71 -0.47
N GLN A 64 10.64 10.67 -0.46
CA GLN A 64 10.76 11.25 0.88
CA GLN A 64 10.73 11.25 0.87
C GLN A 64 11.31 10.25 1.88
C GLN A 64 11.19 10.26 1.94
N HIS A 65 11.04 8.96 1.67
CA HIS A 65 11.38 7.93 2.65
C HIS A 65 12.04 6.76 1.95
N TYR A 66 13.12 7.02 1.25
CA TYR A 66 13.68 6.02 0.35
C TYR A 66 14.13 4.77 1.08
N GLU A 67 14.47 4.88 2.36
N GLU A 67 14.70 4.91 2.28
CA GLU A 67 14.90 3.68 3.11
CA GLU A 67 15.16 3.71 2.99
C GLU A 67 13.79 2.68 3.32
C GLU A 67 14.04 2.70 3.18
N LEU A 68 12.54 3.11 3.33
N LEU A 68 12.80 3.18 3.42
CA LEU A 68 11.41 2.20 3.44
CA LEU A 68 11.65 2.27 3.51
C LEU A 68 11.25 1.46 2.15
C LEU A 68 11.52 1.46 2.24
N CYS A 69 11.74 2.09 1.09
CA CYS A 69 11.61 1.52 -0.22
C CYS A 69 12.73 0.52 -0.47
N SER A 70 13.97 0.94 -0.37
CA SER A 70 15.05 0.02 -0.60
C SER A 70 15.04 -1.12 0.40
N GLY A 71 14.65 -0.85 1.65
CA GLY A 71 14.56 -1.88 2.67
C GLY A 71 13.49 -2.93 2.43
N ASN A 72 12.57 -2.61 1.53
CA ASN A 72 11.53 -3.53 1.08
C ASN A 72 11.70 -3.90 -0.39
N GLN A 73 12.91 -3.76 -0.90
CA GLN A 73 13.28 -4.17 -2.26
C GLN A 73 12.44 -3.49 -3.33
N VAL A 74 12.04 -2.25 -3.07
CA VAL A 74 11.33 -1.45 -4.06
C VAL A 74 12.37 -0.74 -4.93
N ARG A 75 12.25 -0.96 -6.25
N ARG A 75 12.28 -0.92 -6.25
CA ARG A 75 13.24 -0.59 -7.26
CA ARG A 75 13.28 -0.39 -7.18
C ARG A 75 12.61 0.15 -8.43
C ARG A 75 12.63 0.28 -8.38
N GLY A 76 11.31 0.42 -8.36
CA GLY A 76 10.57 1.02 -9.44
C GLY A 76 9.15 1.20 -8.96
N TYR A 77 8.32 1.84 -9.78
CA TYR A 77 7.04 2.34 -9.30
C TYR A 77 5.96 2.19 -10.34
N PRO A 78 4.70 2.08 -9.90
CA PRO A 78 4.30 1.82 -8.52
C PRO A 78 4.66 0.38 -8.15
N THR A 79 5.01 0.17 -6.88
CA THR A 79 5.18 -1.18 -6.35
C THR A 79 4.15 -1.38 -5.25
N LEU A 80 3.33 -2.42 -5.39
CA LEU A 80 2.21 -2.67 -4.51
C LEU A 80 2.56 -3.89 -3.65
N LEU A 81 2.78 -3.64 -2.35
CA LEU A 81 3.23 -4.69 -1.44
C LEU A 81 2.18 -5.02 -0.41
N TRP A 82 2.07 -6.30 -0.09
CA TRP A 82 1.26 -6.79 1.01
C TRP A 82 2.15 -7.05 2.22
N PHE A 83 1.70 -6.63 3.40
CA PHE A 83 2.34 -6.90 4.68
C PHE A 83 1.32 -7.58 5.59
N ARG A 84 1.80 -8.49 6.43
CA ARG A 84 0.96 -9.13 7.42
C ARG A 84 1.77 -9.24 8.71
N ASP A 85 1.26 -8.77 9.84
N ASP A 85 1.26 -8.65 9.78
CA ASP A 85 1.95 -9.00 11.10
CA ASP A 85 1.85 -8.77 11.11
C ASP A 85 3.38 -8.44 11.12
C ASP A 85 3.34 -8.47 11.05
N GLY A 86 3.63 -7.38 10.37
CA GLY A 86 4.96 -6.80 10.37
C GLY A 86 5.92 -7.35 9.35
N LYS A 87 5.44 -8.33 8.54
N LYS A 87 5.48 -8.27 8.50
N LYS A 87 5.45 -8.31 8.55
CA LYS A 87 6.21 -9.12 7.54
CA LYS A 87 6.40 -8.81 7.52
CA LYS A 87 6.27 -8.96 7.53
C LYS A 87 5.82 -8.69 6.11
C LYS A 87 5.86 -8.62 6.13
C LYS A 87 5.84 -8.52 6.15
N LYS A 88 6.79 -8.40 5.23
CA LYS A 88 6.50 -8.31 3.81
C LYS A 88 6.09 -9.70 3.32
N VAL A 89 4.97 -9.83 2.64
N VAL A 89 4.93 -9.78 2.68
CA VAL A 89 4.57 -11.16 2.17
CA VAL A 89 4.33 -11.02 2.22
C VAL A 89 4.36 -11.28 0.66
C VAL A 89 4.41 -11.22 0.71
N ASP A 90 4.09 -10.18 -0.06
CA ASP A 90 3.96 -10.32 -1.51
C ASP A 90 4.22 -9.00 -2.19
N GLN A 91 4.63 -9.12 -3.43
N GLN A 91 4.81 -9.03 -3.39
CA GLN A 91 4.76 -8.03 -4.37
CA GLN A 91 4.72 -7.91 -4.34
C GLN A 91 3.72 -8.27 -5.47
C GLN A 91 3.68 -8.32 -5.38
N TYR A 92 2.58 -7.60 -5.35
CA TYR A 92 1.46 -7.86 -6.25
C TYR A 92 1.74 -7.30 -7.63
N LYS A 93 1.84 -8.18 -8.62
N LYS A 93 1.85 -8.17 -8.63
CA LYS A 93 2.12 -7.79 -9.99
CA LYS A 93 2.14 -7.76 -10.00
C LYS A 93 1.00 -8.19 -10.94
C LYS A 93 0.98 -8.05 -10.96
N GLY A 94 -0.21 -8.23 -10.42
CA GLY A 94 -1.39 -8.47 -11.24
C GLY A 94 -2.02 -7.19 -11.75
N LYS A 95 -3.19 -7.33 -12.34
CA LYS A 95 -3.92 -6.18 -12.87
C LYS A 95 -4.23 -5.20 -11.76
N ARG A 96 -4.20 -3.92 -12.10
CA ARG A 96 -4.26 -2.85 -11.11
C ARG A 96 -5.59 -2.12 -11.09
N ASP A 97 -6.57 -2.59 -11.84
CA ASP A 97 -7.90 -1.98 -11.78
C ASP A 97 -8.55 -2.28 -10.44
N LEU A 98 -9.50 -1.43 -10.06
CA LEU A 98 -10.13 -1.51 -8.74
C LEU A 98 -10.66 -2.91 -8.41
N GLU A 99 -11.41 -3.52 -9.32
N GLU A 99 -11.45 -3.49 -9.33
CA GLU A 99 -11.99 -4.81 -8.97
CA GLU A 99 -12.03 -4.80 -9.08
C GLU A 99 -10.95 -5.90 -8.82
C GLU A 99 -10.94 -5.85 -8.81
N SER A 100 -9.90 -5.87 -9.63
CA SER A 100 -8.80 -6.82 -9.45
C SER A 100 -8.13 -6.62 -8.08
N LEU A 101 -7.91 -5.36 -7.70
CA LEU A 101 -7.29 -5.07 -6.41
C LEU A 101 -8.17 -5.56 -5.28
N ARG A 102 -9.48 -5.35 -5.39
N ARG A 102 -9.48 -5.31 -5.40
CA ARG A 102 -10.39 -5.83 -4.35
CA ARG A 102 -10.44 -5.75 -4.40
C ARG A 102 -10.38 -7.37 -4.23
C ARG A 102 -10.47 -7.28 -4.28
N GLU A 103 -10.37 -8.05 -5.37
N GLU A 103 -10.33 -7.95 -5.41
CA GLU A 103 -10.30 -9.50 -5.37
CA GLU A 103 -10.29 -9.41 -5.43
C GLU A 103 -8.98 -10.00 -4.76
C GLU A 103 -9.03 -9.91 -4.72
N TYR A 104 -7.89 -9.30 -5.02
CA TYR A 104 -6.62 -9.66 -4.41
C TYR A 104 -6.65 -9.45 -2.90
N VAL A 105 -7.18 -8.31 -2.46
CA VAL A 105 -7.36 -8.07 -1.03
C VAL A 105 -8.13 -9.22 -0.38
N GLU A 106 -9.27 -9.57 -0.98
N GLU A 106 -9.27 -9.60 -0.96
CA GLU A 106 -10.06 -10.64 -0.41
CA GLU A 106 -10.07 -10.66 -0.36
C GLU A 106 -9.24 -11.93 -0.31
C GLU A 106 -9.28 -11.98 -0.34
N SER A 107 -8.46 -12.23 -1.36
CA SER A 107 -7.68 -13.45 -1.41
C SER A 107 -6.68 -13.53 -0.26
N GLN A 108 -6.15 -12.37 0.17
N GLN A 108 -6.14 -12.38 0.13
CA GLN A 108 -5.15 -12.29 1.24
CA GLN A 108 -5.13 -12.33 1.18
C GLN A 108 -5.73 -12.21 2.66
C GLN A 108 -5.74 -12.45 2.57
N LEU A 109 -7.05 -12.21 2.76
N LEU A 109 -7.02 -12.12 2.72
CA LEU A 109 -7.73 -12.07 4.05
CA LEU A 109 -7.66 -12.05 4.04
C LEU A 109 -8.54 -13.30 4.40
C LEU A 109 -8.33 -13.33 4.57
N GLN A 110 -8.11 -14.46 3.92
CA GLN A 110 -8.83 -15.70 4.26
C GLN A 110 -8.52 -16.29 5.65
N ARG A 111 -7.41 -15.93 6.28
CA ARG A 111 -7.14 -16.42 7.63
C ARG A 111 -8.25 -15.99 8.59
#